data_6TOK
#
_entry.id   6TOK
#
_cell.length_a   68.594
_cell.length_b   68.594
_cell.length_c   168.727
_cell.angle_alpha   90.000
_cell.angle_beta   90.000
_cell.angle_gamma   120.000
#
_symmetry.space_group_name_H-M   'P 61 2 2'
#
loop_
_entity.id
_entity.type
_entity.pdbx_description
1 polymer 'B-cell lymphoma 6 protein'
2 polymer ALA-TRP-VAL-ILE-PRO-ALA
3 non-polymer 5-[[5-chloranyl-2-(3,5-dimethylpyrazol-1-yl)pyrimidin-4-yl]amino]-1-methyl-3-(3-methyl-3-oxidanyl-butyl)benzimidazol-2-one
4 non-polymer 1,2-ETHANEDIOL
5 non-polymer 'DIMETHYL SULFOXIDE'
6 water water
#
loop_
_entity_poly.entity_id
_entity_poly.type
_entity_poly.pdbx_seq_one_letter_code
_entity_poly.pdbx_strand_id
1 'polypeptide(L)'
;GPGADSCIQFTRHASDVLLNLNRLRSRDILTDVVIVVSREQFRAHKTVLMACSGLFYSIFTDQLKCNLSVINLDPEINPE
GFCILLDFMYTSRLNLREGNIMAVMATAMYLQMEHVVDTCRKFIKASE
;
A
2 'polypeptide(L)' AWVIPA B
#
loop_
_chem_comp.id
_chem_comp.type
_chem_comp.name
_chem_comp.formula
DMS non-polymer 'DIMETHYL SULFOXIDE' 'C2 H6 O S'
EDO non-polymer 1,2-ETHANEDIOL 'C2 H6 O2'
NQT non-polymer 5-[[5-chloranyl-2-(3,5-dimethylpyrazol-1-yl)pyrimidin-4-yl]amino]-1-methyl-3-(3-methyl-3-oxidanyl-butyl)benzimidazol-2-one 'C22 H26 Cl N7 O2'
#
# COMPACT_ATOMS: atom_id res chain seq x y z
N ALA A 4 10.84 -16.75 22.55
CA ALA A 4 10.43 -17.74 23.55
C ALA A 4 8.94 -18.07 23.45
N ASP A 5 8.54 -19.21 24.03
CA ASP A 5 7.17 -19.72 24.06
C ASP A 5 6.25 -18.94 25.02
N SER A 6 6.85 -18.25 26.01
CA SER A 6 6.14 -17.52 27.07
C SER A 6 5.81 -16.04 26.80
N CYS A 7 5.89 -15.57 25.53
CA CYS A 7 5.60 -14.16 25.20
C CYS A 7 4.13 -13.79 25.49
N ILE A 8 3.89 -12.51 25.88
CA ILE A 8 2.56 -11.88 25.94
C ILE A 8 2.45 -11.05 24.63
N GLN A 9 1.23 -10.69 24.19
N GLN A 9 1.24 -10.81 24.13
CA GLN A 9 1.04 -9.94 22.93
CA GLN A 9 1.01 -10.11 22.86
C GLN A 9 0.08 -8.75 23.10
C GLN A 9 0.15 -8.87 23.05
N PHE A 10 0.49 -7.55 22.63
N PHE A 10 0.46 -7.78 22.31
CA PHE A 10 -0.37 -6.37 22.67
CA PHE A 10 -0.28 -6.51 22.37
C PHE A 10 -1.17 -6.38 21.36
C PHE A 10 -1.18 -6.41 21.13
N THR A 11 -2.50 -6.61 21.45
N THR A 11 -2.48 -6.70 21.31
CA THR A 11 -3.41 -6.74 20.31
CA THR A 11 -3.51 -6.78 20.26
C THR A 11 -3.36 -5.59 19.29
C THR A 11 -3.56 -5.59 19.29
N ARG A 12 -3.38 -4.35 19.78
CA ARG A 12 -3.44 -3.16 18.92
C ARG A 12 -2.10 -2.67 18.37
N HIS A 13 -0.97 -3.33 18.72
CA HIS A 13 0.37 -2.84 18.33
C HIS A 13 0.56 -2.64 16.83
N ALA A 14 0.24 -3.67 16.02
CA ALA A 14 0.45 -3.55 14.56
C ALA A 14 -0.35 -2.38 13.95
N SER A 15 -1.62 -2.20 14.36
N SER A 15 -1.61 -2.19 14.38
N SER A 15 -1.61 -2.18 14.37
CA SER A 15 -2.44 -1.08 13.88
CA SER A 15 -2.47 -1.09 13.92
CA SER A 15 -2.45 -1.08 13.88
C SER A 15 -1.85 0.27 14.32
C SER A 15 -1.90 0.27 14.35
C SER A 15 -1.92 0.29 14.35
N ASP A 16 -1.35 0.35 15.58
CA ASP A 16 -0.74 1.58 16.12
C ASP A 16 0.53 1.94 15.35
N VAL A 17 1.36 0.92 14.99
CA VAL A 17 2.57 1.16 14.17
C VAL A 17 2.16 1.72 12.78
N LEU A 18 1.16 1.09 12.11
CA LEU A 18 0.75 1.54 10.78
C LEU A 18 0.23 2.99 10.79
N LEU A 19 -0.53 3.37 11.86
CA LEU A 19 -1.03 4.74 11.99
C LEU A 19 0.16 5.72 12.06
N ASN A 20 1.20 5.38 12.87
CA ASN A 20 2.38 6.23 12.99
C ASN A 20 3.17 6.32 11.68
N LEU A 21 3.26 5.22 10.90
CA LEU A 21 3.91 5.26 9.58
C LEU A 21 3.13 6.20 8.63
N ASN A 22 1.77 6.16 8.68
CA ASN A 22 0.96 7.06 7.84
C ASN A 22 1.14 8.53 8.27
N ARG A 23 1.32 8.78 9.59
CA ARG A 23 1.58 10.15 10.09
C ARG A 23 2.93 10.63 9.54
N LEU A 24 3.97 9.74 9.50
CA LEU A 24 5.27 10.14 8.91
C LEU A 24 5.09 10.48 7.42
N ARG A 25 4.28 9.68 6.68
CA ARG A 25 4.03 9.96 5.26
C ARG A 25 3.36 11.34 5.08
N SER A 26 2.31 11.64 5.87
N SER A 26 2.31 11.64 5.88
N SER A 26 2.32 11.63 5.88
CA SER A 26 1.56 12.90 5.79
CA SER A 26 1.57 12.90 5.83
CA SER A 26 1.55 12.89 5.83
C SER A 26 2.46 14.14 6.04
C SER A 26 2.46 14.12 6.04
C SER A 26 2.44 14.13 6.07
N ARG A 27 3.44 14.01 6.96
CA ARG A 27 4.39 15.09 7.31
C ARG A 27 5.66 15.06 6.44
N ASP A 28 5.76 14.11 5.48
CA ASP A 28 6.90 13.91 4.58
C ASP A 28 8.21 13.65 5.34
N ILE A 29 8.13 12.86 6.43
CA ILE A 29 9.27 12.51 7.26
C ILE A 29 9.88 11.17 6.86
N LEU A 30 11.17 11.21 6.47
N LEU A 30 11.19 11.18 6.50
CA LEU A 30 12.02 10.09 6.06
CA LEU A 30 11.97 9.99 6.13
C LEU A 30 11.51 9.30 4.85
C LEU A 30 11.48 9.26 4.86
N THR A 31 10.67 9.94 4.02
CA THR A 31 10.23 9.37 2.73
C THR A 31 11.50 9.29 1.85
N ASP A 32 11.66 8.17 1.12
CA ASP A 32 12.91 7.91 0.39
C ASP A 32 12.74 7.52 -1.09
N VAL A 33 11.52 7.69 -1.63
CA VAL A 33 11.25 7.39 -3.04
C VAL A 33 10.08 8.23 -3.55
N VAL A 34 10.10 8.58 -4.86
CA VAL A 34 9.00 9.24 -5.55
C VAL A 34 8.52 8.25 -6.61
N ILE A 35 7.22 7.93 -6.60
CA ILE A 35 6.60 7.06 -7.61
C ILE A 35 5.91 7.99 -8.61
N VAL A 36 6.27 7.89 -9.92
CA VAL A 36 5.68 8.72 -10.96
C VAL A 36 4.67 7.91 -11.76
N VAL A 37 3.43 8.44 -11.85
CA VAL A 37 2.31 7.82 -12.55
C VAL A 37 1.78 8.89 -13.51
N SER A 38 2.18 8.84 -14.78
N SER A 38 2.28 8.87 -14.74
CA SER A 38 1.70 9.78 -15.79
CA SER A 38 1.94 9.89 -15.73
C SER A 38 1.83 11.24 -15.37
C SER A 38 2.41 11.25 -15.23
N ARG A 39 3.01 11.60 -14.90
N ARG A 39 1.51 12.23 -15.23
CA ARG A 39 3.37 12.95 -14.45
CA ARG A 39 1.86 13.56 -14.76
C ARG A 39 2.75 13.40 -13.10
C ARG A 39 2.23 13.61 -13.25
N GLU A 40 2.14 12.46 -12.38
N GLU A 40 1.48 12.86 -12.46
CA GLU A 40 1.61 12.71 -11.03
CA GLU A 40 1.58 12.85 -11.00
C GLU A 40 2.65 12.05 -10.15
C GLU A 40 2.75 12.17 -10.25
N GLN A 41 3.08 12.74 -9.11
CA GLN A 41 4.14 12.25 -8.23
C GLN A 41 3.62 11.90 -6.83
N PHE A 42 4.10 10.77 -6.26
CA PHE A 42 3.68 10.31 -4.94
C PHE A 42 4.91 9.95 -4.11
N ARG A 43 5.09 10.59 -2.95
CA ARG A 43 6.22 10.31 -2.05
C ARG A 43 5.84 9.17 -1.08
N ALA A 44 6.77 8.25 -0.80
CA ALA A 44 6.50 7.11 0.09
C ALA A 44 7.78 6.56 0.73
N HIS A 45 7.62 5.50 1.56
CA HIS A 45 8.73 4.77 2.20
C HIS A 45 8.86 3.44 1.46
N LYS A 46 10.06 3.15 0.91
CA LYS A 46 10.29 1.89 0.18
C LYS A 46 9.87 0.64 0.99
N THR A 47 10.17 0.60 2.30
CA THR A 47 9.82 -0.56 3.12
C THR A 47 8.32 -0.84 3.17
N VAL A 48 7.48 0.22 3.27
CA VAL A 48 6.02 0.02 3.30
C VAL A 48 5.53 -0.48 1.93
N LEU A 49 6.06 0.11 0.83
CA LEU A 49 5.69 -0.33 -0.51
C LEU A 49 6.03 -1.82 -0.71
N MET A 50 7.24 -2.25 -0.27
CA MET A 50 7.68 -3.66 -0.40
C MET A 50 6.76 -4.60 0.43
N ALA A 51 6.38 -4.17 1.64
CA ALA A 51 5.54 -5.01 2.51
C ALA A 51 4.15 -5.26 1.92
N CYS A 52 3.66 -4.34 1.06
CA CYS A 52 2.29 -4.38 0.52
C CYS A 52 2.14 -4.86 -0.93
N SER A 53 3.25 -4.97 -1.68
CA SER A 53 3.17 -5.21 -3.13
C SER A 53 4.28 -6.12 -3.63
N GLY A 54 3.91 -7.15 -4.39
CA GLY A 54 4.88 -8.06 -4.99
C GLY A 54 5.79 -7.37 -5.99
N LEU A 55 5.23 -6.38 -6.75
CA LEU A 55 6.03 -5.63 -7.72
C LEU A 55 7.11 -4.79 -7.00
N PHE A 56 6.72 -4.04 -5.96
CA PHE A 56 7.70 -3.21 -5.23
C PHE A 56 8.73 -4.07 -4.47
N TYR A 57 8.32 -5.27 -3.98
CA TYR A 57 9.28 -6.19 -3.32
C TYR A 57 10.38 -6.57 -4.33
N SER A 58 9.97 -6.94 -5.55
CA SER A 58 10.93 -7.32 -6.61
C SER A 58 11.84 -6.16 -6.99
N ILE A 59 11.28 -4.94 -7.15
CA ILE A 59 12.03 -3.74 -7.54
C ILE A 59 13.12 -3.38 -6.52
N PHE A 60 12.73 -3.25 -5.24
CA PHE A 60 13.68 -2.76 -4.24
C PHE A 60 14.62 -3.86 -3.67
N THR A 61 14.49 -5.13 -4.10
CA THR A 61 15.46 -6.18 -3.74
C THR A 61 16.47 -6.37 -4.88
N ASP A 62 16.25 -5.66 -6.02
CA ASP A 62 17.20 -5.72 -7.15
C ASP A 62 18.42 -4.87 -6.78
N GLN A 63 19.63 -5.42 -6.99
CA GLN A 63 20.90 -4.79 -6.63
C GLN A 63 21.15 -3.43 -7.32
N LEU A 64 20.52 -3.17 -8.49
CA LEU A 64 20.64 -1.89 -9.17
C LEU A 64 19.47 -0.94 -8.82
N LYS A 65 18.23 -1.45 -8.87
CA LYS A 65 17.03 -0.63 -8.65
C LYS A 65 16.84 -0.18 -7.19
N CYS A 66 17.41 -0.93 -6.22
CA CYS A 66 17.28 -0.61 -4.79
C CYS A 66 17.80 0.79 -4.44
N ASN A 67 18.72 1.33 -5.28
CA ASN A 67 19.38 2.63 -5.13
C ASN A 67 18.72 3.80 -5.88
N LEU A 68 17.59 3.55 -6.57
CA LEU A 68 16.91 4.63 -7.30
C LEU A 68 15.99 5.41 -6.36
N SER A 69 15.95 6.76 -6.54
CA SER A 69 15.11 7.67 -5.76
CA SER A 69 15.08 7.62 -5.73
C SER A 69 13.78 7.97 -6.48
N VAL A 70 13.69 7.57 -7.78
CA VAL A 70 12.52 7.80 -8.63
C VAL A 70 12.20 6.49 -9.39
N ILE A 71 10.92 6.06 -9.37
CA ILE A 71 10.43 4.90 -10.10
C ILE A 71 9.25 5.33 -10.97
N ASN A 72 9.36 5.10 -12.30
CA ASN A 72 8.30 5.44 -13.24
C ASN A 72 7.44 4.20 -13.53
N LEU A 73 6.12 4.30 -13.29
CA LEU A 73 5.20 3.19 -13.58
C LEU A 73 4.78 3.22 -15.04
N ASP A 74 4.25 2.08 -15.53
CA ASP A 74 3.74 1.91 -16.90
C ASP A 74 2.73 3.03 -17.23
N PRO A 75 2.80 3.67 -18.43
CA PRO A 75 1.87 4.77 -18.78
C PRO A 75 0.39 4.42 -18.78
N GLU A 76 0.03 3.12 -18.82
CA GLU A 76 -1.37 2.67 -18.79
C GLU A 76 -1.99 2.81 -17.38
N ILE A 77 -1.15 2.92 -16.32
CA ILE A 77 -1.66 3.02 -14.95
C ILE A 77 -2.32 4.36 -14.64
N ASN A 78 -3.51 4.30 -14.04
CA ASN A 78 -4.33 5.45 -13.68
C ASN A 78 -3.83 6.09 -12.36
N PRO A 79 -3.52 7.40 -12.33
CA PRO A 79 -3.06 8.03 -11.07
C PRO A 79 -4.03 7.92 -9.88
N GLU A 80 -5.37 8.06 -10.11
CA GLU A 80 -6.37 7.94 -9.02
C GLU A 80 -6.36 6.51 -8.44
N GLY A 81 -6.31 5.49 -9.31
CA GLY A 81 -6.23 4.09 -8.87
C GLY A 81 -5.00 3.84 -8.02
N PHE A 82 -3.83 4.40 -8.41
CA PHE A 82 -2.62 4.27 -7.61
C PHE A 82 -2.78 4.97 -6.25
N CYS A 83 -3.35 6.19 -6.23
CA CYS A 83 -3.57 6.97 -5.00
C CYS A 83 -4.43 6.18 -3.99
N ILE A 84 -5.52 5.57 -4.48
CA ILE A 84 -6.42 4.75 -3.64
C ILE A 84 -5.66 3.56 -3.03
N LEU A 85 -4.79 2.91 -3.83
CA LEU A 85 -4.02 1.77 -3.32
C LEU A 85 -2.93 2.18 -2.36
N LEU A 86 -2.27 3.34 -2.60
CA LEU A 86 -1.24 3.86 -1.67
C LEU A 86 -1.89 4.16 -0.29
N ASP A 87 -3.08 4.79 -0.30
CA ASP A 87 -3.79 5.05 0.95
C ASP A 87 -4.14 3.73 1.67
N PHE A 88 -4.58 2.69 0.91
CA PHE A 88 -4.88 1.38 1.50
C PHE A 88 -3.61 0.80 2.18
N MET A 89 -2.45 0.88 1.49
CA MET A 89 -1.19 0.34 2.06
C MET A 89 -0.94 0.87 3.48
N TYR A 90 -1.12 2.19 3.67
CA TYR A 90 -0.83 2.88 4.92
C TYR A 90 -1.97 2.91 5.95
N THR A 91 -3.19 2.37 5.60
CA THR A 91 -4.32 2.46 6.53
C THR A 91 -5.18 1.21 6.73
N SER A 92 -5.08 0.20 5.82
N SER A 92 -5.13 0.25 5.76
CA SER A 92 -5.93 -1.03 5.77
CA SER A 92 -5.96 -0.97 5.64
C SER A 92 -7.32 -0.72 5.20
C SER A 92 -7.36 -0.67 5.05
N ARG A 93 -7.57 0.53 4.76
N ARG A 93 -7.66 0.62 4.79
CA ARG A 93 -8.89 0.95 4.24
CA ARG A 93 -8.94 1.09 4.27
C ARG A 93 -8.83 1.21 2.74
C ARG A 93 -8.89 1.30 2.75
N LEU A 94 -9.77 0.60 2.02
CA LEU A 94 -9.86 0.67 0.55
C LEU A 94 -11.12 1.39 0.10
N ASN A 95 -10.95 2.54 -0.59
CA ASN A 95 -12.08 3.34 -1.09
C ASN A 95 -12.58 2.82 -2.45
N LEU A 96 -13.30 1.71 -2.42
CA LEU A 96 -13.83 1.03 -3.60
C LEU A 96 -15.23 1.56 -3.91
N ARG A 97 -15.40 2.12 -5.13
CA ARG A 97 -16.65 2.72 -5.62
C ARG A 97 -16.96 2.23 -7.04
N GLU A 98 -18.23 2.26 -7.47
CA GLU A 98 -18.61 1.83 -8.81
C GLU A 98 -17.76 2.50 -9.92
N GLY A 99 -17.48 3.80 -9.74
CA GLY A 99 -16.73 4.60 -10.70
C GLY A 99 -15.24 4.38 -10.75
N ASN A 100 -14.66 3.70 -9.73
CA ASN A 100 -13.21 3.48 -9.71
C ASN A 100 -12.76 2.02 -9.67
N ILE A 101 -13.69 1.05 -9.48
CA ILE A 101 -13.35 -0.37 -9.28
C ILE A 101 -12.53 -0.98 -10.45
N MET A 102 -12.87 -0.67 -11.71
CA MET A 102 -12.10 -1.22 -12.82
C MET A 102 -10.64 -0.73 -12.80
N ALA A 103 -10.42 0.57 -12.54
CA ALA A 103 -9.06 1.15 -12.47
C ALA A 103 -8.29 0.62 -11.24
N VAL A 104 -8.98 0.45 -10.10
CA VAL A 104 -8.34 -0.07 -8.88
C VAL A 104 -7.89 -1.54 -9.10
N MET A 105 -8.78 -2.39 -9.69
CA MET A 105 -8.43 -3.80 -9.94
C MET A 105 -7.24 -3.91 -10.91
N ALA A 106 -7.26 -3.14 -12.02
CA ALA A 106 -6.15 -3.16 -12.99
C ALA A 106 -4.82 -2.75 -12.35
N THR A 107 -4.85 -1.71 -11.48
CA THR A 107 -3.65 -1.23 -10.78
C THR A 107 -3.15 -2.28 -9.77
N ALA A 108 -4.07 -2.92 -9.00
CA ALA A 108 -3.69 -3.96 -8.03
C ALA A 108 -3.10 -5.20 -8.72
N MET A 109 -3.58 -5.54 -9.94
CA MET A 109 -3.02 -6.67 -10.70
C MET A 109 -1.55 -6.37 -11.08
N TYR A 110 -1.29 -5.15 -11.59
CA TYR A 110 0.04 -4.67 -11.97
C TYR A 110 0.98 -4.63 -10.74
N LEU A 111 0.47 -4.14 -9.59
CA LEU A 111 1.28 -4.04 -8.37
C LEU A 111 1.43 -5.38 -7.63
N GLN A 112 0.72 -6.45 -8.08
CA GLN A 112 0.77 -7.79 -7.47
C GLN A 112 0.30 -7.71 -5.99
N MET A 113 -0.93 -7.18 -5.79
CA MET A 113 -1.58 -7.03 -4.48
C MET A 113 -2.76 -8.02 -4.48
N GLU A 114 -2.47 -9.28 -4.14
CA GLU A 114 -3.41 -10.42 -4.23
C GLU A 114 -4.76 -10.25 -3.52
N HIS A 115 -4.77 -9.82 -2.23
CA HIS A 115 -6.05 -9.67 -1.50
C HIS A 115 -6.97 -8.63 -2.13
N VAL A 116 -6.41 -7.49 -2.60
CA VAL A 116 -7.19 -6.43 -3.24
C VAL A 116 -7.80 -6.95 -4.55
N VAL A 117 -6.99 -7.66 -5.39
CA VAL A 117 -7.51 -8.22 -6.66
C VAL A 117 -8.71 -9.13 -6.38
N ASP A 118 -8.57 -10.05 -5.40
CA ASP A 118 -9.63 -11.01 -5.02
C ASP A 118 -10.94 -10.33 -4.61
N THR A 119 -10.88 -9.26 -3.79
CA THR A 119 -12.07 -8.53 -3.36
C THR A 119 -12.72 -7.77 -4.50
N CYS A 120 -11.91 -7.14 -5.37
CA CYS A 120 -12.41 -6.42 -6.55
C CYS A 120 -13.22 -7.38 -7.43
N ARG A 121 -12.68 -8.60 -7.65
N ARG A 121 -12.69 -8.60 -7.66
CA ARG A 121 -13.34 -9.64 -8.46
CA ARG A 121 -13.32 -9.65 -8.47
C ARG A 121 -14.70 -10.02 -7.89
C ARG A 121 -14.67 -10.10 -7.89
N LYS A 122 -14.78 -10.16 -6.55
CA LYS A 122 -16.03 -10.53 -5.85
C LYS A 122 -17.09 -9.44 -5.95
N PHE A 123 -16.69 -8.16 -5.80
CA PHE A 123 -17.59 -7.00 -5.89
C PHE A 123 -18.12 -6.81 -7.32
N ILE A 124 -17.29 -7.12 -8.35
CA ILE A 124 -17.73 -7.02 -9.77
C ILE A 124 -18.72 -8.14 -10.08
N LYS A 125 -18.44 -9.38 -9.62
CA LYS A 125 -19.29 -10.55 -9.82
C LYS A 125 -20.70 -10.35 -9.25
N ALA A 126 -20.81 -9.64 -8.10
CA ALA A 126 -22.09 -9.34 -7.44
C ALA A 126 -23.02 -8.41 -8.25
N SER A 127 -22.43 -7.48 -9.04
N SER A 127 -22.44 -7.49 -9.04
CA SER A 127 -23.19 -6.52 -9.87
CA SER A 127 -23.20 -6.54 -9.86
C SER A 127 -23.64 -7.11 -11.21
C SER A 127 -23.69 -7.16 -11.17
N GLU A 128 -23.03 -8.23 -11.65
CA GLU A 128 -23.35 -8.92 -12.90
C GLU A 128 -24.64 -9.74 -12.75
CA ALA B 1 -4.61 -4.69 25.97
C ALA B 1 -3.65 -5.82 25.60
N TRP B 2 -3.21 -6.60 26.61
N TRP B 2 -3.19 -6.58 26.62
CA TRP B 2 -2.27 -7.71 26.46
CA TRP B 2 -2.31 -7.72 26.42
C TRP B 2 -2.96 -9.06 26.64
C TRP B 2 -3.10 -9.01 26.47
N VAL B 3 -2.61 -10.03 25.79
CA VAL B 3 -3.22 -11.38 25.77
C VAL B 3 -2.15 -12.48 25.72
N ILE B 4 -2.59 -13.73 25.93
CA ILE B 4 -1.76 -14.91 25.70
C ILE B 4 -2.03 -15.26 24.20
N PRO B 5 -1.02 -15.11 23.30
CA PRO B 5 -1.28 -15.37 21.86
C PRO B 5 -1.51 -16.83 21.51
N ALA B 6 -2.36 -17.07 20.50
C11 NQT C . 0.68 -9.23 0.98
C14 NQT C . 0.47 -7.62 2.97
C15 NQT C . 1.26 -9.59 -2.19
C20 NQT C . 8.26 -8.70 2.06
C21 NQT C . 9.00 -9.57 2.81
CL NQT C . 8.54 -7.00 2.23
N6 NQT C . 8.86 -10.91 2.79
C5 NQT C . 7.88 -11.37 1.99
N1 NQT C . 7.63 -12.77 2.01
N NQT C . 8.48 -13.61 2.62
C3 NQT C . 7.96 -14.82 2.51
C4 NQT C . 8.60 -16.03 3.07
C2 NQT C . 6.73 -14.77 1.81
C1 NQT C . 6.52 -13.46 1.49
C NQT C . 5.38 -12.88 0.79
C6 NQT C . 7.28 -9.32 1.20
N2 NQT C . 7.12 -10.65 1.21
N3 NQT C . 6.63 -8.81 0.20
C7 NQT C . 5.47 -8.89 -0.48
C19 NQT C . 5.76 -9.72 -1.58
C18 NQT C . 4.81 -10.25 -2.43
C17 NQT C . 3.52 -9.93 -2.18
C9 NQT C . 3.21 -9.09 -1.09
C8 NQT C . 4.16 -8.60 -0.25
N5 NQT C . 2.31 -10.23 -2.85
C16 NQT C . 2.17 -11.06 -4.02
O1 NQT C . 0.12 -9.64 -2.47
N4 NQT C . 1.84 -8.91 -1.10
C10 NQT C . 1.03 -8.22 -0.12
C12 NQT C . -0.23 -8.67 2.10
O NQT C . -1.33 -8.12 1.48
C13 NQT C . -0.66 -9.84 2.98
C1 EDO D . -21.48 5.48 -4.58
O1 EDO D . -22.70 4.87 -4.97
C2 EDO D . -20.29 4.88 -5.37
O2 EDO D . -20.25 3.46 -5.28
C1 EDO E . 10.00 17.39 7.50
O1 EDO E . 9.01 17.11 6.51
C2 EDO E . 11.04 16.24 7.53
O2 EDO E . 11.62 16.08 6.25
C1 EDO F . 0.46 -4.40 -16.97
C1 EDO F . 0.41 -4.63 -16.97
O1 EDO F . 1.71 -5.06 -16.91
O1 EDO F . 1.71 -5.12 -16.70
C2 EDO F . 0.66 -2.92 -17.34
C2 EDO F . 0.51 -3.31 -17.76
O2 EDO F . -0.48 -2.18 -16.97
O2 EDO F . -0.79 -2.83 -18.05
C1 EDO G . -19.10 -2.57 -11.61
O1 EDO G . -19.07 -3.94 -11.27
C2 EDO G . -18.26 -2.34 -12.87
O2 EDO G . -18.27 -0.96 -13.21
C1 EDO H . -0.50 -12.72 -0.56
O1 EDO H . -1.75 -12.86 0.08
C2 EDO H . 0.63 -12.90 0.48
O2 EDO H . 1.85 -12.44 -0.09
C1 EDO I . -6.02 3.47 15.38
O1 EDO I . -6.51 3.74 16.68
C2 EDO I . -4.62 2.81 15.48
O2 EDO I . -4.71 1.57 16.16
C1 EDO J . -13.74 4.62 12.09
O1 EDO J . -14.37 3.99 10.99
C2 EDO J . -13.65 3.62 13.28
O2 EDO J . -12.84 2.52 12.91
C1 EDO K . -0.33 13.89 -5.26
O1 EDO K . 0.69 13.15 -4.60
C2 EDO K . -0.42 13.42 -6.73
O2 EDO K . -1.38 14.19 -7.42
C1 EDO L . 2.77 13.27 1.17
O1 EDO L . 1.97 14.37 1.57
C2 EDO L . 4.26 13.66 1.30
O2 EDO L . 5.00 12.54 1.80
C1 EDO M . -4.95 12.01 14.03
O1 EDO M . -4.34 12.24 15.29
C2 EDO M . -3.92 11.36 13.07
O2 EDO M . -2.76 12.15 13.04
C1 EDO N . -1.47 14.11 11.23
O1 EDO N . -1.15 13.94 12.61
C2 EDO N . -0.32 14.82 10.55
O2 EDO N . 0.13 15.89 11.38
C1 EDO O . 8.29 -12.78 -1.57
O1 EDO O . 7.46 -13.65 -2.32
C2 EDO O . 9.42 -13.58 -0.89
O2 EDO O . 10.20 -14.23 -1.89
S DMS P . -4.67 11.26 -7.69
O DMS P . -3.96 12.25 -6.87
C1 DMS P . -6.34 11.31 -7.11
C2 DMS P . -4.91 12.06 -9.26
S DMS Q . -2.36 10.67 8.90
O DMS Q . -3.08 9.86 9.90
C1 DMS Q . -3.62 11.14 7.75
C2 DMS Q . -2.12 12.22 9.68
S DMS R . 17.44 8.42 -9.41
O DMS R . 16.46 7.33 -9.40
C1 DMS R . 16.66 9.94 -9.39
C2 DMS R . 18.28 8.46 -7.94
S DMS S . -2.91 -11.60 31.14
O DMS S . -4.20 -10.91 31.09
C1 DMS S . -2.64 -12.15 29.48
C2 DMS S . -1.72 -10.29 31.19
#